data_4BPJ
#
_entry.id   4BPJ
#
_cell.length_a   78.458
_cell.length_b   60.260
_cell.length_c   44.804
_cell.angle_alpha   90.00
_cell.angle_beta   118.47
_cell.angle_gamma   90.00
#
_symmetry.space_group_name_H-M   'C 1 2 1'
#
loop_
_entity.id
_entity.type
_entity.pdbx_description
1 polymer 'FUSION PROTEIN CONSISTING OF INDUCED MYELOID LEUKEMIA CELL DIFFERENTIATION PROTEIN MCL-1 HOMOLOG'
2 polymer 'ALPHA BETA BH3-PEPTIDE'
3 non-polymer 'ZINC ION'
4 non-polymer 'CHLORIDE ION'
5 water water
#
loop_
_entity_poly.entity_id
_entity_poly.type
_entity_poly.pdbx_seq_one_letter_code
_entity_poly.pdbx_strand_id
1 'polypeptide(L)'
;GPLGSEDDLYRQSLEIISRYLREQATGSKDSKPLGEAGAAGRRALETLRRVGDGVQRNHETAFQGMLRKLDIKNEDDVKS
LSRVMIHVFSDGVTNWGRIVTLISFGAFVAKHLKTINQESCIEPLAESITDVLVRTKRDWLVKQRGWDGFVEFFHVEDLE
GG
;
A
2 'polypeptide(L)' AI(DAL)A(B3Q)LR(HR7)MAD(B3D)LN(B3A)QYE(NH2) D
#
loop_
_chem_comp.id
_chem_comp.type
_chem_comp.name
_chem_comp.formula
CL non-polymer 'CHLORIDE ION' 'Cl -1'
NH2 non-polymer 'AMINO GROUP' 'H2 N'
ZN non-polymer 'ZINC ION' 'Zn 2'
#
# COMPACT_ATOMS: atom_id res chain seq x y z
N GLU A 6 16.99 4.83 -14.31
CA GLU A 6 17.90 3.69 -14.36
C GLU A 6 17.33 2.49 -13.61
N ASP A 7 16.57 2.76 -12.56
CA ASP A 7 16.09 1.70 -11.67
C ASP A 7 14.78 1.09 -12.16
N ASP A 8 14.90 -0.02 -12.90
CA ASP A 8 13.75 -0.73 -13.44
C ASP A 8 12.71 -1.09 -12.40
N LEU A 9 13.15 -1.72 -11.31
CA LEU A 9 12.22 -2.12 -10.26
C LEU A 9 11.51 -0.91 -9.65
N TYR A 10 12.24 0.17 -9.45
CA TYR A 10 11.64 1.38 -8.88
CA TYR A 10 11.62 1.36 -8.87
C TYR A 10 10.55 1.92 -9.80
N ARG A 11 10.90 2.10 -11.07
CA ARG A 11 9.94 2.65 -12.04
C ARG A 11 8.73 1.74 -12.18
N GLN A 12 8.94 0.43 -12.25
CA GLN A 12 7.83 -0.50 -12.37
C GLN A 12 6.90 -0.40 -11.16
N SER A 13 7.49 -0.33 -9.99
CA SER A 13 6.72 -0.28 -8.75
C SER A 13 5.94 1.01 -8.67
N LEU A 14 6.59 2.11 -9.02
CA LEU A 14 5.94 3.41 -8.97
C LEU A 14 4.78 3.47 -9.94
N GLU A 15 4.96 2.88 -11.13
CA GLU A 15 3.89 2.81 -12.12
C GLU A 15 2.65 2.12 -11.55
N ILE A 16 2.84 0.93 -10.98
CA ILE A 16 1.74 0.15 -10.42
C ILE A 16 1.05 0.88 -9.27
N ILE A 17 1.85 1.38 -8.34
CA ILE A 17 1.33 1.97 -7.11
C ILE A 17 0.65 3.31 -7.38
N SER A 18 1.27 4.11 -8.24
N SER A 18 1.27 4.13 -8.23
CA SER A 18 0.67 5.41 -8.61
CA SER A 18 0.65 5.41 -8.56
C SER A 18 -0.66 5.20 -9.32
C SER A 18 -0.64 5.24 -9.36
N ARG A 19 -0.69 4.26 -10.25
CA ARG A 19 -1.90 3.97 -11.02
C ARG A 19 -3.02 3.53 -10.08
N TYR A 20 -2.70 2.64 -9.14
CA TYR A 20 -3.72 2.19 -8.20
C TYR A 20 -4.23 3.34 -7.34
N LEU A 21 -3.32 4.16 -6.82
CA LEU A 21 -3.74 5.25 -5.95
C LEU A 21 -4.59 6.26 -6.70
N ARG A 22 -4.23 6.55 -7.95
CA ARG A 22 -5.02 7.50 -8.73
C ARG A 22 -6.42 6.95 -9.07
N GLU A 23 -6.48 5.68 -9.46
CA GLU A 23 -7.76 5.02 -9.75
C GLU A 23 -8.67 5.07 -8.53
N GLN A 24 -8.10 4.76 -7.37
CA GLN A 24 -8.86 4.73 -6.14
C GLN A 24 -9.34 6.13 -5.78
N ALA A 25 -8.45 7.10 -5.88
CA ALA A 25 -8.77 8.46 -5.47
C ALA A 25 -9.79 9.13 -6.38
N THR A 26 -9.74 8.84 -7.68
CA THR A 26 -10.65 9.47 -8.62
C THR A 26 -11.89 8.64 -8.90
N GLY A 27 -11.75 7.32 -8.83
CA GLY A 27 -12.86 6.43 -9.08
C GLY A 27 -13.01 6.06 -10.55
N SER A 28 -11.98 6.34 -11.33
CA SER A 28 -12.01 6.02 -12.76
C SER A 28 -10.68 5.45 -13.24
N LYS A 29 -10.75 4.54 -14.20
CA LYS A 29 -9.56 3.88 -14.72
C LYS A 29 -8.74 4.83 -15.59
N GLY A 38 3.82 -3.47 -17.99
CA GLY A 38 3.21 -4.00 -19.18
C GLY A 38 2.19 -5.07 -18.85
N ALA A 39 2.31 -6.24 -19.47
CA ALA A 39 1.47 -7.38 -19.13
C ALA A 39 1.71 -7.80 -17.69
N ALA A 40 2.97 -7.75 -17.26
CA ALA A 40 3.33 -8.01 -15.87
C ALA A 40 2.75 -6.94 -14.97
N GLY A 41 2.77 -5.70 -15.45
CA GLY A 41 2.22 -4.58 -14.70
C GLY A 41 0.70 -4.67 -14.64
N ARG A 42 0.11 -5.12 -15.74
CA ARG A 42 -1.34 -5.28 -15.82
C ARG A 42 -1.85 -6.29 -14.79
N ARG A 43 -1.24 -7.47 -14.76
CA ARG A 43 -1.61 -8.48 -13.78
C ARG A 43 -1.42 -7.99 -12.35
N ALA A 44 -0.32 -7.30 -12.10
CA ALA A 44 -0.04 -6.77 -10.77
C ALA A 44 -1.12 -5.80 -10.33
N LEU A 45 -1.49 -4.89 -11.23
CA LEU A 45 -2.50 -3.90 -10.94
C LEU A 45 -3.86 -4.57 -10.69
N GLU A 46 -4.17 -5.60 -11.47
CA GLU A 46 -5.44 -6.32 -11.30
C GLU A 46 -5.50 -7.03 -9.95
N THR A 47 -4.37 -7.62 -9.55
CA THR A 47 -4.27 -8.28 -8.25
C THR A 47 -4.41 -7.25 -7.14
N LEU A 48 -3.73 -6.13 -7.32
CA LEU A 48 -3.76 -5.07 -6.34
C LEU A 48 -5.18 -4.53 -6.18
N ARG A 49 -5.89 -4.38 -7.29
CA ARG A 49 -7.31 -3.97 -7.24
C ARG A 49 -8.14 -4.95 -6.43
N ARG A 50 -8.10 -6.23 -6.78
CA ARG A 50 -8.90 -7.24 -6.09
C ARG A 50 -8.59 -7.36 -4.59
N VAL A 51 -7.32 -7.49 -4.24
CA VAL A 51 -6.92 -7.70 -2.85
C VAL A 51 -7.02 -6.38 -2.08
N GLY A 52 -6.54 -5.30 -2.68
CA GLY A 52 -6.56 -3.99 -2.06
C GLY A 52 -7.94 -3.45 -1.79
N ASP A 53 -8.86 -3.67 -2.73
CA ASP A 53 -10.23 -3.22 -2.54
C ASP A 53 -10.83 -4.01 -1.38
N GLY A 54 -10.40 -5.27 -1.26
CA GLY A 54 -10.86 -6.14 -0.19
C GLY A 54 -10.39 -5.71 1.19
N VAL A 55 -9.10 -5.37 1.30
CA VAL A 55 -8.55 -4.83 2.54
C VAL A 55 -9.33 -3.58 2.97
N GLN A 56 -9.52 -2.66 2.03
CA GLN A 56 -10.27 -1.44 2.31
C GLN A 56 -11.73 -1.70 2.71
N ARG A 57 -12.39 -2.66 2.06
CA ARG A 57 -13.75 -3.02 2.44
C ARG A 57 -13.82 -3.60 3.85
N ASN A 58 -12.92 -4.53 4.15
CA ASN A 58 -12.95 -5.23 5.42
C ASN A 58 -12.49 -4.39 6.59
N HIS A 59 -11.66 -3.38 6.31
N HIS A 59 -11.65 -3.39 6.34
CA HIS A 59 -11.04 -2.60 7.38
CA HIS A 59 -11.10 -2.61 7.44
C HIS A 59 -11.32 -1.10 7.30
C HIS A 59 -11.32 -1.10 7.30
N GLU A 60 -12.43 -0.75 6.65
CA GLU A 60 -12.81 0.65 6.48
C GLU A 60 -12.94 1.41 7.80
N THR A 61 -13.63 0.79 8.76
CA THR A 61 -13.83 1.40 10.07
C THR A 61 -12.50 1.66 10.75
N ALA A 62 -11.61 0.65 10.72
CA ALA A 62 -10.31 0.77 11.35
C ALA A 62 -9.47 1.85 10.68
N PHE A 63 -9.46 1.83 9.35
CA PHE A 63 -8.74 2.83 8.57
C PHE A 63 -9.22 4.26 8.89
N GLN A 64 -10.53 4.43 9.04
CA GLN A 64 -11.07 5.73 9.39
CA GLN A 64 -11.08 5.73 9.39
C GLN A 64 -10.53 6.18 10.74
N GLY A 65 -10.52 5.26 11.70
CA GLY A 65 -9.98 5.54 13.02
C GLY A 65 -8.52 5.95 12.98
N MET A 66 -7.75 5.29 12.11
CA MET A 66 -6.31 5.53 12.02
C MET A 66 -5.93 6.90 11.47
N LEU A 67 -6.54 7.27 10.35
CA LEU A 67 -6.16 8.49 9.64
C LEU A 67 -6.35 9.74 10.49
N ARG A 68 -7.38 9.74 11.33
CA ARG A 68 -7.66 10.86 12.22
CA ARG A 68 -7.63 10.88 12.18
C ARG A 68 -6.49 11.10 13.17
N LYS A 69 -6.10 10.04 13.87
CA LYS A 69 -5.01 10.09 14.83
C LYS A 69 -3.75 10.67 14.20
N LEU A 70 -3.40 10.16 13.02
N LEU A 70 -3.41 10.16 13.01
CA LEU A 70 -2.25 10.65 12.29
CA LEU A 70 -2.24 10.64 12.28
C LEU A 70 -2.40 12.12 11.94
C LEU A 70 -2.40 12.12 11.92
N ASP A 71 -3.62 12.52 11.60
CA ASP A 71 -3.91 13.91 11.26
C ASP A 71 -3.70 14.84 12.44
N ILE A 72 -4.04 14.37 13.63
CA ILE A 72 -3.89 15.17 14.84
C ILE A 72 -2.41 15.44 15.11
N LYS A 73 -1.59 14.41 14.89
CA LYS A 73 -0.16 14.51 15.13
C LYS A 73 0.56 15.25 14.00
N ASN A 74 0.19 14.93 12.78
CA ASN A 74 0.91 15.46 11.62
C ASN A 74 0.06 15.88 10.42
N GLU A 75 -0.35 14.89 9.61
CA GLU A 75 -0.77 15.11 8.22
C GLU A 75 0.14 16.17 7.58
N ASP A 76 -0.38 16.95 6.63
CA ASP A 76 0.42 17.94 5.91
C ASP A 76 1.75 17.42 5.33
N ASP A 77 2.45 16.59 6.09
CA ASP A 77 3.66 15.96 5.64
C ASP A 77 3.32 14.66 4.95
N VAL A 78 3.75 14.54 3.70
CA VAL A 78 3.55 13.32 2.95
C VAL A 78 4.20 12.13 3.66
N LYS A 79 5.22 12.44 4.46
CA LYS A 79 6.06 11.41 5.08
C LYS A 79 5.37 10.65 6.22
N SER A 80 4.21 11.13 6.65
CA SER A 80 3.43 10.44 7.68
C SER A 80 3.23 8.95 7.38
N LEU A 81 2.80 8.65 6.16
CA LEU A 81 2.61 7.27 5.77
C LEU A 81 3.94 6.50 5.76
N SER A 82 5.03 7.20 5.46
N SER A 82 5.01 7.11 5.28
CA SER A 82 6.37 6.62 5.51
CA SER A 82 6.25 6.33 5.12
C SER A 82 6.77 6.19 6.92
C SER A 82 6.73 5.84 6.49
N ARG A 83 6.48 7.01 7.91
N ARG A 83 6.59 6.69 7.49
CA ARG A 83 6.83 6.64 9.28
CA ARG A 83 6.98 6.34 8.86
C ARG A 83 6.02 5.44 9.77
C ARG A 83 6.12 5.22 9.43
N VAL A 84 4.82 5.29 9.21
CA VAL A 84 3.96 4.15 9.54
C VAL A 84 4.46 2.87 8.90
N MET A 85 4.84 2.95 7.62
CA MET A 85 5.40 1.79 6.93
C MET A 85 6.68 1.30 7.60
N ILE A 86 7.58 2.22 7.90
CA ILE A 86 8.82 1.86 8.57
C ILE A 86 8.51 1.21 9.91
N HIS A 87 7.54 1.74 10.64
CA HIS A 87 7.25 1.09 11.91
C HIS A 87 6.68 -0.31 11.75
N VAL A 88 5.75 -0.49 10.82
CA VAL A 88 5.23 -1.85 10.52
C VAL A 88 6.36 -2.84 10.29
N PHE A 89 7.37 -2.43 9.51
CA PHE A 89 8.44 -3.35 9.17
C PHE A 89 9.53 -3.46 10.23
N SER A 90 9.40 -2.70 11.31
CA SER A 90 10.48 -2.59 12.28
C SER A 90 10.73 -3.82 13.15
N ASP A 91 9.87 -4.84 13.04
CA ASP A 91 10.13 -6.09 13.74
C ASP A 91 10.98 -7.02 12.88
N GLY A 92 11.35 -6.54 11.70
CA GLY A 92 12.20 -7.31 10.80
C GLY A 92 11.48 -8.35 9.96
N VAL A 93 10.15 -8.31 9.97
CA VAL A 93 9.39 -9.24 9.15
C VAL A 93 8.89 -8.57 7.88
N THR A 94 8.99 -9.28 6.76
CA THR A 94 8.52 -8.77 5.48
C THR A 94 7.64 -9.84 4.84
N ASN A 95 6.46 -9.45 4.40
CA ASN A 95 5.61 -10.35 3.64
C ASN A 95 4.68 -9.57 2.73
N TRP A 96 4.02 -10.26 1.80
CA TRP A 96 3.16 -9.58 0.84
C TRP A 96 1.89 -9.04 1.50
N GLY A 97 1.44 -9.69 2.57
CA GLY A 97 0.28 -9.18 3.30
C GLY A 97 0.54 -7.77 3.81
N ARG A 98 1.73 -7.56 4.36
CA ARG A 98 2.12 -6.22 4.83
C ARG A 98 2.24 -5.22 3.71
N ILE A 99 2.89 -5.63 2.62
CA ILE A 99 3.05 -4.74 1.49
C ILE A 99 1.70 -4.31 0.92
N VAL A 100 0.80 -5.27 0.68
CA VAL A 100 -0.49 -4.91 0.11
C VAL A 100 -1.37 -4.11 1.10
N THR A 101 -1.25 -4.41 2.39
CA THR A 101 -2.03 -3.68 3.39
C THR A 101 -1.57 -2.22 3.46
N LEU A 102 -0.27 -1.99 3.37
CA LEU A 102 0.24 -0.62 3.41
C LEU A 102 -0.16 0.14 2.14
N ILE A 103 -0.12 -0.53 1.00
CA ILE A 103 -0.53 0.12 -0.24
C ILE A 103 -2.03 0.46 -0.16
N SER A 104 -2.82 -0.47 0.37
CA SER A 104 -4.26 -0.26 0.52
C SER A 104 -4.58 0.92 1.43
N PHE A 105 -3.83 1.04 2.51
CA PHE A 105 -4.03 2.17 3.42
C PHE A 105 -3.63 3.47 2.72
N GLY A 106 -2.58 3.37 1.91
CA GLY A 106 -2.19 4.49 1.05
C GLY A 106 -3.31 4.94 0.13
N ALA A 107 -4.01 3.99 -0.48
CA ALA A 107 -5.17 4.32 -1.31
C ALA A 107 -6.30 4.96 -0.50
N PHE A 108 -6.54 4.45 0.70
CA PHE A 108 -7.54 5.04 1.58
C PHE A 108 -7.18 6.49 1.90
N VAL A 109 -5.91 6.74 2.20
CA VAL A 109 -5.45 8.09 2.46
C VAL A 109 -5.56 8.95 1.19
N ALA A 110 -5.21 8.38 0.05
CA ALA A 110 -5.33 9.13 -1.22
C ALA A 110 -6.78 9.55 -1.51
N LYS A 111 -7.71 8.65 -1.25
CA LYS A 111 -9.13 8.97 -1.42
C LYS A 111 -9.51 10.15 -0.54
N HIS A 112 -9.01 10.13 0.69
CA HIS A 112 -9.34 11.19 1.63
C HIS A 112 -8.82 12.52 1.13
N LEU A 113 -7.57 12.51 0.66
CA LEU A 113 -6.95 13.76 0.19
C LEU A 113 -7.71 14.37 -0.98
N LYS A 114 -8.22 13.52 -1.88
CA LYS A 114 -8.98 14.00 -3.03
C LYS A 114 -10.35 14.52 -2.62
N THR A 115 -10.90 13.91 -1.58
CA THR A 115 -12.20 14.33 -1.07
C THR A 115 -12.12 15.75 -0.52
N ILE A 116 -10.99 16.08 0.11
CA ILE A 116 -10.80 17.42 0.64
C ILE A 116 -10.49 18.41 -0.48
N ASN A 117 -9.71 17.96 -1.46
CA ASN A 117 -9.27 18.82 -2.54
C ASN A 117 -9.13 18.02 -3.84
N GLN A 118 -10.05 18.24 -4.76
CA GLN A 118 -10.10 17.44 -6.00
C GLN A 118 -8.86 17.59 -6.87
N GLU A 119 -8.06 18.62 -6.62
CA GLU A 119 -6.84 18.83 -7.37
C GLU A 119 -5.60 18.36 -6.63
N SER A 120 -5.82 17.65 -5.52
CA SER A 120 -4.72 17.03 -4.80
C SER A 120 -4.04 16.05 -5.73
N CYS A 121 -2.73 15.92 -5.61
CA CYS A 121 -1.96 14.98 -6.43
C CYS A 121 -1.54 13.80 -5.58
N ILE A 122 -1.71 12.58 -6.10
CA ILE A 122 -1.37 11.40 -5.32
C ILE A 122 0.09 11.00 -5.51
N GLU A 123 0.79 11.70 -6.40
CA GLU A 123 2.13 11.25 -6.75
C GLU A 123 3.16 11.24 -5.61
N PRO A 124 3.23 12.32 -4.79
CA PRO A 124 4.15 12.29 -3.65
C PRO A 124 3.90 11.11 -2.69
N LEU A 125 2.63 10.78 -2.49
N LEU A 125 2.63 10.79 -2.46
CA LEU A 125 2.25 9.64 -1.67
CA LEU A 125 2.27 9.62 -1.65
C LEU A 125 2.72 8.34 -2.30
C LEU A 125 2.77 8.34 -2.30
N ALA A 126 2.49 8.18 -3.59
CA ALA A 126 2.91 6.99 -4.32
C ALA A 126 4.43 6.83 -4.30
N GLU A 127 5.15 7.94 -4.48
CA GLU A 127 6.61 7.91 -4.43
C GLU A 127 7.11 7.53 -3.03
N SER A 128 6.42 8.02 -2.00
CA SER A 128 6.84 7.74 -0.65
C SER A 128 6.74 6.24 -0.37
N ILE A 129 5.64 5.64 -0.79
CA ILE A 129 5.39 4.25 -0.59
C ILE A 129 6.41 3.42 -1.38
N THR A 130 6.64 3.84 -2.61
CA THR A 130 7.55 3.13 -3.50
C THR A 130 8.98 3.20 -3.00
N ASP A 131 9.39 4.38 -2.51
CA ASP A 131 10.72 4.55 -1.91
C ASP A 131 10.97 3.55 -0.79
N VAL A 132 10.05 3.42 0.15
CA VAL A 132 10.25 2.49 1.25
C VAL A 132 10.35 1.06 0.76
N LEU A 133 9.40 0.64 -0.06
CA LEU A 133 9.40 -0.74 -0.50
C LEU A 133 10.68 -1.05 -1.30
N VAL A 134 10.95 -0.25 -2.33
CA VAL A 134 12.05 -0.60 -3.21
C VAL A 134 13.42 -0.36 -2.61
N ARG A 135 13.60 0.81 -2.00
CA ARG A 135 14.93 1.06 -1.45
C ARG A 135 15.21 0.18 -0.23
N THR A 136 14.24 -0.01 0.66
CA THR A 136 14.54 -0.72 1.90
C THR A 136 14.25 -2.21 1.83
N LYS A 137 13.52 -2.66 0.81
CA LYS A 137 13.23 -4.09 0.73
C LYS A 137 13.66 -4.69 -0.62
N ARG A 138 14.58 -4.03 -1.30
CA ARG A 138 14.95 -4.44 -2.66
C ARG A 138 15.28 -5.93 -2.80
N ASP A 139 16.21 -6.42 -2.00
CA ASP A 139 16.65 -7.81 -2.19
C ASP A 139 15.54 -8.80 -1.83
N TRP A 140 14.67 -8.45 -0.89
CA TRP A 140 13.53 -9.29 -0.58
C TRP A 140 12.60 -9.37 -1.79
N LEU A 141 12.30 -8.20 -2.37
CA LEU A 141 11.42 -8.14 -3.52
C LEU A 141 12.00 -8.98 -4.66
N VAL A 142 13.29 -8.82 -4.93
CA VAL A 142 13.94 -9.58 -6.00
C VAL A 142 13.88 -11.08 -5.75
N LYS A 143 14.17 -11.50 -4.51
CA LYS A 143 14.13 -12.91 -4.17
C LYS A 143 12.74 -13.50 -4.34
N GLN A 144 11.73 -12.67 -4.06
CA GLN A 144 10.35 -13.12 -4.10
C GLN A 144 9.72 -12.99 -5.49
N ARG A 145 10.58 -12.72 -6.49
CA ARG A 145 10.21 -12.56 -7.89
C ARG A 145 9.43 -11.29 -8.20
N GLY A 146 9.64 -10.27 -7.38
CA GLY A 146 9.04 -8.97 -7.64
C GLY A 146 7.54 -9.01 -7.81
N TRP A 147 7.04 -8.17 -8.71
CA TRP A 147 5.60 -8.06 -8.90
C TRP A 147 4.97 -9.31 -9.48
N ASP A 148 5.77 -10.10 -10.19
CA ASP A 148 5.31 -11.40 -10.61
C ASP A 148 4.99 -12.28 -9.38
N GLY A 149 5.88 -12.27 -8.40
CA GLY A 149 5.67 -13.05 -7.19
C GLY A 149 4.45 -12.60 -6.42
N PHE A 150 4.26 -11.28 -6.38
CA PHE A 150 3.08 -10.67 -5.78
C PHE A 150 1.82 -11.26 -6.38
N VAL A 151 1.74 -11.28 -7.71
CA VAL A 151 0.58 -11.82 -8.41
C VAL A 151 0.37 -13.29 -8.07
N GLU A 152 1.48 -14.02 -8.01
CA GLU A 152 1.39 -15.45 -7.79
C GLU A 152 1.01 -15.76 -6.33
N PHE A 153 1.42 -14.89 -5.41
CA PHE A 153 1.11 -15.09 -3.99
C PHE A 153 -0.40 -14.98 -3.71
N PHE A 154 -1.05 -14.03 -4.37
N PHE A 154 -1.07 -14.03 -4.37
CA PHE A 154 -2.48 -13.78 -4.15
CA PHE A 154 -2.51 -13.82 -4.20
C PHE A 154 -3.44 -14.50 -5.10
C PHE A 154 -3.33 -14.33 -5.39
N HIS A 155 -2.95 -14.96 -6.26
N HIS A 155 -2.93 -15.43 -6.02
CA HIS A 155 -3.83 -15.63 -7.22
CA HIS A 155 -3.56 -15.84 -7.27
C HIS A 155 -4.49 -16.84 -6.56
C HIS A 155 -4.97 -16.46 -7.14
N VAL A 156 -5.79 -16.99 -6.75
N VAL A 156 -5.12 -17.46 -6.28
CA VAL A 156 -6.47 -18.15 -6.19
CA VAL A 156 -6.37 -18.23 -6.16
C VAL A 156 -6.93 -19.05 -7.33
C VAL A 156 -6.71 -18.93 -7.50
N GLU A 157 -7.78 -18.50 -8.18
CA GLU A 157 -8.20 -19.18 -9.40
C GLU A 157 -8.49 -18.17 -10.50
N ALA B 1 -2.36 0.44 19.18
CA ALA B 1 -1.71 1.48 18.39
C ALA B 1 -1.86 1.21 16.89
N ILE B 2 -1.68 2.26 16.08
CA ILE B 2 -1.84 2.15 14.65
C ILE B 2 -0.87 1.14 14.03
N DAL B 3 0.39 1.23 14.46
CA DAL B 3 1.45 0.34 13.93
CB DAL B 3 1.81 0.73 12.51
C DAL B 3 1.10 -1.14 14.03
O DAL B 3 0.95 -1.82 13.00
N ALA B 4 0.99 -1.62 15.27
CA ALA B 4 0.71 -3.03 15.57
C ALA B 4 -0.68 -3.44 15.11
N B3Q B 5 -1.61 -2.52 15.30
CA B3Q B 5 -2.97 -3.03 15.09
CG B3Q B 5 -3.83 -2.96 16.37
CB B3Q B 5 -3.65 -2.29 13.96
C B3Q B 5 -3.20 -2.80 12.60
O B3Q B 5 -3.65 -3.86 12.17
CD B3Q B 5 -3.35 -3.81 17.54
CE B3Q B 5 -3.28 -5.30 17.23
NF2 B3Q B 5 -2.35 -5.99 17.87
OF1 B3Q B 5 -4.04 -5.83 16.42
N LEU B 6 -2.29 -2.09 11.93
CA LEU B 6 -1.92 -2.47 10.58
C LEU B 6 -1.16 -3.78 10.49
N ARG B 7 -0.20 -3.97 11.40
CA ARG B 7 0.69 -5.13 11.30
C ARG B 7 -0.09 -6.41 11.54
N HR7 B 8 -0.81 -6.42 12.67
CB HR7 B 8 -1.41 -7.69 13.07
CG HR7 B 8 -1.06 -7.98 14.53
CD HR7 B 8 0.45 -7.96 14.76
CE HR7 B 8 0.83 -8.92 15.88
NZ HR7 B 8 0.17 -8.59 17.14
CH HR7 B 8 0.50 -9.18 18.29
NH2 HR7 B 8 1.44 -10.11 18.31
NH1 HR7 B 8 -0.14 -8.84 19.41
C HR7 B 8 -3.44 -7.85 11.56
O HR7 B 8 -3.34 -8.97 11.07
CA HR7 B 8 -2.93 -7.59 12.97
N MET B 9 -3.97 -6.81 10.92
N MET B 9 -3.98 -6.83 10.89
CA MET B 9 -4.58 -6.93 9.59
CA MET B 9 -4.63 -7.10 9.61
C MET B 9 -3.67 -7.63 8.58
C MET B 9 -3.69 -7.60 8.50
N ALA B 10 -2.44 -7.15 8.50
CA ALA B 10 -1.51 -7.59 7.47
C ALA B 10 -1.06 -9.04 7.62
N ASP B 11 -0.62 -9.41 8.82
CA ASP B 11 -0.06 -10.75 9.06
C ASP B 11 -1.19 -11.75 9.14
OE1 B3D B 12 -5.78 -13.01 12.20
CD B3D B 12 -4.66 -13.40 11.83
OE2 B3D B 12 -4.37 -14.61 11.74
CG B3D B 12 -3.62 -12.34 11.48
CA B3D B 12 -3.30 -12.30 9.99
N B3D B 12 -2.30 -11.26 9.70
CB B3D B 12 -4.58 -11.99 9.24
C B3D B 12 -4.46 -12.31 7.78
O B3D B 12 -4.57 -13.47 7.39
N LEU B 13 -4.22 -11.29 6.95
CA LEU B 13 -4.20 -11.49 5.51
C LEU B 13 -3.11 -12.47 5.04
N ASN B 14 -1.88 -12.26 5.49
CA ASN B 14 -0.77 -13.08 5.02
C ASN B 14 -0.98 -14.52 5.43
CG B3A B 15 -0.34 -16.35 8.16
CA B3A B 15 -1.36 -16.06 7.06
N B3A B 15 -1.38 -14.65 6.70
CB B3A B 15 -2.72 -16.45 7.55
C B3A B 15 -3.59 -16.89 6.39
O B3A B 15 -3.50 -18.06 6.00
N GLN B 16 -4.40 -16.00 5.84
CA GLN B 16 -5.34 -16.37 4.79
C GLN B 16 -4.63 -16.94 3.58
N TYR B 17 -3.51 -16.32 3.19
CA TYR B 17 -2.81 -16.74 1.99
C TYR B 17 -1.60 -17.67 2.22
N GLU B 18 -1.51 -18.21 3.43
CA GLU B 18 -0.44 -19.14 3.79
C GLU B 18 0.96 -18.60 3.47
N NH2 B 19 1.24 -17.37 3.89
ZN ZN C . 2.03 15.89 -8.22
ZN ZN D . 5.73 -1.44 16.79
ZN ZN D . 6.66 -0.57 17.79
ZN ZN E . -8.38 -8.33 6.85
ZN ZN E . -9.92 -7.23 10.99
ZN ZN F . 7.18 1.60 -17.73
ZN ZN G . -8.06 15.12 6.50
CL CL H . 3.52 4.15 14.19
CL CL I . 14.73 4.14 5.87
CL CL J . 10.56 -19.80 -10.44
CL CL K . 15.26 7.81 -18.96
#